data_3BD5
#
_entry.id   3BD5
#
_cell.length_a   62.132
_cell.length_b   62.132
_cell.length_c   93.239
_cell.angle_alpha   90.00
_cell.angle_beta   90.00
_cell.angle_gamma   120.00
#
_symmetry.space_group_name_H-M   'P 31 2 1'
#
loop_
_entity.id
_entity.type
_entity.pdbx_description
1 polymer 'catalytic antibody'
2 non-polymer 'COBALT (II) ION'
3 non-polymer 2-[BIS-(2-HYDROXY-ETHYL)-AMINO]-2-HYDROXYMETHYL-PROPANE-1,3-DIOL
4 water water
#
_entity_poly.entity_id   1
_entity_poly.type   'polypeptide(L)'
_entity_poly.pdbx_seq_one_letter_code
;LVMSQSPSSLAVSAGEKVTMSCKSSQSLFNSRTRKNYLAWYQQKPGQSPKLLIYWASTRESGVPDRFTGSGSGTDFTLTI
SSVQAEDLAVYYCKQSYYHMYTFGSGTKLEIK
;
_entity_poly.pdbx_strand_id   A,B
#
loop_
_chem_comp.id
_chem_comp.type
_chem_comp.name
_chem_comp.formula
BTB non-polymer 2-[BIS-(2-HYDROXY-ETHYL)-AMINO]-2-HYDROXYMETHYL-PROPANE-1,3-DIOL 'C8 H19 N O5'
CO non-polymer 'COBALT (II) ION' 'Co 2'
#
# COMPACT_ATOMS: atom_id res chain seq x y z
N LEU A 1 -17.63 17.21 13.98
CA LEU A 1 -16.43 16.68 13.27
C LEU A 1 -16.83 15.73 12.16
N VAL A 2 -16.57 16.13 10.92
CA VAL A 2 -16.94 15.31 9.77
C VAL A 2 -15.78 14.46 9.27
N MET A 3 -16.12 13.26 8.84
CA MET A 3 -15.16 12.29 8.31
C MET A 3 -15.57 12.05 6.87
N SER A 4 -14.71 12.43 5.94
CA SER A 4 -14.96 12.29 4.50
C SER A 4 -14.09 11.24 3.84
N GLN A 5 -14.72 10.34 3.09
CA GLN A 5 -14.00 9.27 2.41
C GLN A 5 -14.18 9.31 0.90
N SER A 6 -13.20 8.78 0.18
CA SER A 6 -13.23 8.73 -1.28
C SER A 6 -12.29 7.65 -1.81
N PRO A 7 -12.65 6.99 -2.91
CA PRO A 7 -13.89 7.24 -3.65
C PRO A 7 -15.06 6.57 -2.94
N SER A 8 -16.23 6.65 -3.55
CA SER A 8 -17.43 6.05 -2.99
C SER A 8 -17.43 4.56 -3.27
N SER A 9 -16.96 4.19 -4.45
CA SER A 9 -16.93 2.79 -4.83
C SER A 9 -15.75 2.46 -5.74
N LEU A 10 -15.28 1.23 -5.65
CA LEU A 10 -14.15 0.76 -6.45
C LEU A 10 -14.44 -0.65 -6.96
N ALA A 11 -14.17 -0.88 -8.24
CA ALA A 11 -14.36 -2.21 -8.83
C ALA A 11 -13.03 -2.54 -9.49
N VAL A 12 -12.32 -3.53 -8.95
CA VAL A 12 -11.02 -3.94 -9.46
C VAL A 12 -10.96 -5.44 -9.67
N SER A 13 -9.90 -5.89 -10.35
CA SER A 13 -9.70 -7.31 -10.60
C SER A 13 -8.86 -7.89 -9.49
N ALA A 14 -8.86 -9.20 -9.35
CA ALA A 14 -8.06 -9.83 -8.31
C ALA A 14 -6.60 -9.52 -8.58
N GLY A 15 -5.81 -9.40 -7.51
CA GLY A 15 -4.40 -9.11 -7.67
C GLY A 15 -4.03 -7.66 -7.82
N GLU A 16 -4.99 -6.79 -8.10
CA GLU A 16 -4.68 -5.37 -8.25
C GLU A 16 -4.52 -4.72 -6.88
N LYS A 17 -4.18 -3.44 -6.89
CA LYS A 17 -3.99 -2.67 -5.66
C LYS A 17 -4.92 -1.46 -5.61
N VAL A 18 -5.37 -1.12 -4.40
CA VAL A 18 -6.26 0.03 -4.23
C VAL A 18 -5.81 0.91 -3.07
N THR A 19 -6.13 2.19 -3.15
CA THR A 19 -5.79 3.12 -2.08
C THR A 19 -7.03 3.95 -1.84
N MET A 20 -7.43 4.09 -0.58
CA MET A 20 -8.60 4.90 -0.29
C MET A 20 -8.23 5.95 0.74
N SER A 21 -8.91 7.10 0.66
CA SER A 21 -8.63 8.22 1.54
C SER A 21 -9.71 8.50 2.56
N CYS A 22 -9.28 9.10 3.66
CA CYS A 22 -10.18 9.49 4.75
C CYS A 22 -9.65 10.82 5.26
N LYS A 23 -10.45 11.86 5.15
CA LYS A 23 -10.03 13.16 5.62
C LYS A 23 -10.89 13.61 6.78
N SER A 24 -10.24 14.06 7.84
CA SER A 24 -10.89 14.53 9.06
C SER A 24 -11.04 16.04 9.02
N SER A 25 -12.11 16.55 9.62
CA SER A 25 -12.34 18.00 9.64
C SER A 25 -11.44 18.71 10.67
N GLN A 26 -10.83 17.93 11.56
CA GLN A 26 -9.96 18.47 12.59
C GLN A 26 -8.77 17.50 12.75
N SER A 27 -7.60 18.02 13.12
CA SER A 27 -6.44 17.14 13.31
C SER A 27 -6.78 16.10 14.38
N LEU A 28 -6.34 14.87 14.16
CA LEU A 28 -6.60 13.78 15.10
C LEU A 28 -5.35 13.37 15.86
N PHE A 29 -4.30 14.17 15.75
CA PHE A 29 -3.06 13.88 16.45
C PHE A 29 -3.06 14.45 17.87
N ASN A 30 -2.53 13.67 18.81
CA ASN A 30 -2.44 14.06 20.22
C ASN A 30 -0.95 14.09 20.55
N SER A 31 -0.44 15.27 20.90
CA SER A 31 0.98 15.43 21.22
C SER A 31 1.40 14.79 22.54
N ARG A 32 0.45 14.65 23.46
CA ARG A 32 0.74 14.06 24.75
C ARG A 32 1.02 12.55 24.66
N THR A 33 0.25 11.84 23.83
CA THR A 33 0.46 10.41 23.66
C THR A 33 1.20 10.13 22.36
N ARG A 34 1.18 11.11 21.45
CA ARG A 34 1.84 10.98 20.16
C ARG A 34 1.15 9.96 19.26
N LYS A 35 -0.18 9.88 19.36
CA LYS A 35 -0.97 8.93 18.57
C LYS A 35 -2.07 9.61 17.77
N ASN A 36 -2.26 9.17 16.53
CA ASN A 36 -3.32 9.68 15.67
C ASN A 36 -4.51 8.76 15.96
N TYR A 37 -5.61 9.30 16.50
CA TYR A 37 -6.76 8.47 16.82
C TYR A 37 -7.69 8.27 15.63
N LEU A 38 -7.22 7.44 14.70
CA LEU A 38 -7.96 7.13 13.48
C LEU A 38 -7.90 5.63 13.29
N ALA A 39 -9.06 5.00 13.12
CA ALA A 39 -9.09 3.55 12.94
C ALA A 39 -9.78 3.19 11.63
N TRP A 40 -9.50 1.98 11.13
CA TRP A 40 -10.12 1.49 9.90
C TRP A 40 -10.89 0.21 10.20
N TYR A 41 -12.11 0.09 9.69
CA TYR A 41 -12.93 -1.10 9.90
C TYR A 41 -13.31 -1.75 8.57
N GLN A 42 -13.45 -3.07 8.61
CA GLN A 42 -13.86 -3.87 7.46
C GLN A 42 -15.24 -4.43 7.79
N GLN A 43 -16.20 -4.20 6.90
CA GLN A 43 -17.56 -4.68 7.12
C GLN A 43 -18.01 -5.55 5.97
N LYS A 44 -18.03 -6.85 6.22
CA LYS A 44 -18.43 -7.85 5.23
C LYS A 44 -19.96 -8.02 5.17
N PRO A 45 -20.48 -8.46 4.02
CA PRO A 45 -21.90 -8.68 3.77
C PRO A 45 -22.73 -9.18 4.95
N GLY A 46 -23.59 -8.29 5.45
CA GLY A 46 -24.48 -8.64 6.55
C GLY A 46 -23.88 -8.98 7.90
N GLN A 47 -22.71 -8.45 8.21
CA GLN A 47 -22.08 -8.75 9.50
C GLN A 47 -21.78 -7.49 10.31
N SER A 48 -21.28 -7.67 11.53
CA SER A 48 -20.92 -6.53 12.36
C SER A 48 -19.51 -6.13 11.90
N PRO A 49 -19.09 -4.89 12.19
CA PRO A 49 -17.76 -4.41 11.79
C PRO A 49 -16.58 -5.17 12.39
N LYS A 50 -15.48 -5.19 11.67
CA LYS A 50 -14.26 -5.85 12.13
C LYS A 50 -13.13 -4.81 12.21
N LEU A 51 -12.61 -4.56 13.40
CA LEU A 51 -11.52 -3.59 13.54
C LEU A 51 -10.29 -4.11 12.80
N LEU A 52 -9.76 -3.33 11.86
CA LEU A 52 -8.58 -3.73 11.07
C LEU A 52 -7.25 -3.06 11.50
N ILE A 53 -7.31 -1.75 11.67
CA ILE A 53 -6.14 -0.95 12.02
C ILE A 53 -6.52 0.15 13.02
N TYR A 54 -5.64 0.40 13.99
CA TYR A 54 -5.89 1.46 14.97
C TYR A 54 -4.65 2.36 15.07
N TRP A 55 -4.81 3.53 15.68
CA TRP A 55 -3.72 4.50 15.80
C TRP A 55 -3.10 4.77 14.42
N ALA A 56 -3.98 4.84 13.41
CA ALA A 56 -3.60 5.13 12.02
C ALA A 56 -2.85 4.08 11.23
N SER A 57 -1.91 3.38 11.87
CA SER A 57 -1.09 2.40 11.16
C SER A 57 -0.82 1.08 11.85
N THR A 58 -1.39 0.84 13.02
CA THR A 58 -1.12 -0.42 13.70
C THR A 58 -2.21 -1.46 13.41
N ARG A 59 -1.79 -2.60 12.86
CA ARG A 59 -2.71 -3.70 12.52
C ARG A 59 -3.18 -4.50 13.74
N GLU A 60 -4.44 -4.92 13.72
CA GLU A 60 -5.00 -5.76 14.79
C GLU A 60 -4.44 -7.17 14.63
N SER A 61 -4.69 -8.02 15.62
CA SER A 61 -4.23 -9.40 15.62
C SER A 61 -4.75 -10.19 14.42
N GLY A 62 -3.88 -10.96 13.79
CA GLY A 62 -4.26 -11.77 12.64
C GLY A 62 -4.50 -11.07 11.32
N VAL A 63 -4.51 -9.74 11.31
CA VAL A 63 -4.74 -9.02 10.06
C VAL A 63 -3.54 -9.13 9.13
N PRO A 64 -3.75 -9.58 7.88
CA PRO A 64 -2.67 -9.74 6.90
C PRO A 64 -1.97 -8.42 6.55
N ASP A 65 -0.65 -8.45 6.38
CA ASP A 65 0.08 -7.22 6.08
C ASP A 65 -0.18 -6.66 4.68
N ARG A 66 -1.18 -7.21 3.98
CA ARG A 66 -1.58 -6.72 2.66
C ARG A 66 -2.30 -5.39 2.91
N PHE A 67 -2.83 -5.25 4.12
CA PHE A 67 -3.54 -4.05 4.56
C PHE A 67 -2.52 -3.11 5.20
N THR A 68 -2.45 -1.88 4.73
CA THR A 68 -1.49 -0.94 5.28
C THR A 68 -2.15 0.42 5.51
N GLY A 69 -2.07 0.91 6.74
CA GLY A 69 -2.64 2.20 7.04
C GLY A 69 -1.55 3.25 7.15
N SER A 70 -1.84 4.50 6.78
CA SER A 70 -0.84 5.56 6.88
C SER A 70 -1.47 6.95 6.96
N GLY A 71 -0.62 7.96 7.21
CA GLY A 71 -1.09 9.33 7.31
C GLY A 71 -1.02 9.87 8.72
N SER A 72 -1.27 11.16 8.86
CA SER A 72 -1.24 11.82 10.17
C SER A 72 -1.99 13.14 10.08
N GLY A 73 -2.45 13.65 11.22
CA GLY A 73 -3.17 14.91 11.23
C GLY A 73 -4.61 14.86 10.71
N THR A 74 -4.79 15.24 9.45
CA THR A 74 -6.12 15.26 8.84
C THR A 74 -6.29 14.34 7.63
N ASP A 75 -5.19 13.88 7.04
CA ASP A 75 -5.28 13.03 5.85
C ASP A 75 -4.72 11.64 6.04
N PHE A 76 -5.59 10.64 5.90
CA PHE A 76 -5.22 9.25 6.09
C PHE A 76 -5.51 8.37 4.88
N THR A 77 -4.80 7.26 4.81
CA THR A 77 -4.95 6.33 3.68
C THR A 77 -4.90 4.87 4.10
N LEU A 78 -5.70 4.05 3.43
CA LEU A 78 -5.70 2.60 3.68
C LEU A 78 -5.36 1.99 2.32
N THR A 79 -4.30 1.20 2.28
CA THR A 79 -3.91 0.55 1.03
C THR A 79 -4.10 -0.96 1.13
N ILE A 80 -4.59 -1.56 0.05
CA ILE A 80 -4.75 -3.00 0.02
C ILE A 80 -4.01 -3.52 -1.22
N SER A 81 -2.90 -4.23 -0.99
CA SER A 81 -2.10 -4.80 -2.07
C SER A 81 -2.66 -6.18 -2.46
N SER A 82 -2.44 -6.59 -3.71
CA SER A 82 -2.92 -7.87 -4.20
C SER A 82 -4.30 -8.23 -3.65
N VAL A 83 -5.29 -7.40 -3.99
CA VAL A 83 -6.66 -7.59 -3.52
C VAL A 83 -7.18 -9.00 -3.81
N GLN A 84 -7.90 -9.56 -2.83
CA GLN A 84 -8.48 -10.90 -2.97
C GLN A 84 -10.00 -10.87 -2.88
N ALA A 85 -10.63 -11.89 -3.44
CA ALA A 85 -12.09 -12.00 -3.45
C ALA A 85 -12.69 -11.86 -2.05
N GLU A 86 -11.96 -12.36 -1.06
CA GLU A 86 -12.41 -12.31 0.32
C GLU A 86 -12.45 -10.87 0.87
N ASP A 87 -11.68 -9.97 0.25
CA ASP A 87 -11.63 -8.57 0.68
C ASP A 87 -12.87 -7.78 0.31
N LEU A 88 -13.78 -8.40 -0.45
CA LEU A 88 -15.02 -7.73 -0.86
C LEU A 88 -15.73 -7.22 0.39
N ALA A 89 -15.89 -5.91 0.49
CA ALA A 89 -16.52 -5.32 1.66
C ALA A 89 -16.57 -3.81 1.57
N VAL A 90 -17.08 -3.19 2.63
CA VAL A 90 -17.14 -1.74 2.70
C VAL A 90 -16.17 -1.35 3.82
N TYR A 91 -15.22 -0.47 3.52
CA TYR A 91 -14.21 -0.05 4.50
C TYR A 91 -14.53 1.33 5.07
N TYR A 92 -14.52 1.43 6.40
CA TYR A 92 -14.83 2.65 7.15
C TYR A 92 -13.69 3.15 8.04
N CYS A 93 -13.49 4.47 8.11
CA CYS A 93 -12.49 5.03 9.01
C CYS A 93 -13.30 5.59 10.18
N LYS A 94 -12.73 5.58 11.38
CA LYS A 94 -13.43 6.06 12.55
C LYS A 94 -12.49 6.81 13.48
N GLN A 95 -12.91 8.01 13.88
CA GLN A 95 -12.11 8.83 14.78
C GLN A 95 -12.53 8.56 16.23
N SER A 96 -11.56 8.50 17.11
CA SER A 96 -11.81 8.27 18.54
C SER A 96 -11.06 9.35 19.32
N TYR A 97 -10.97 10.54 18.72
CA TYR A 97 -10.29 11.70 19.31
C TYR A 97 -11.21 12.38 20.33
N TYR A 98 -12.51 12.31 20.10
CA TYR A 98 -13.51 12.90 20.98
C TYR A 98 -14.37 11.84 21.68
N HIS A 99 -15.07 12.26 22.74
CA HIS A 99 -15.95 11.38 23.50
C HIS A 99 -16.79 10.53 22.55
N MET A 100 -17.61 11.19 21.76
CA MET A 100 -18.46 10.49 20.80
C MET A 100 -17.68 10.23 19.51
N TYR A 101 -17.37 8.95 19.26
CA TYR A 101 -16.64 8.55 18.06
C TYR A 101 -17.49 8.80 16.82
N THR A 102 -16.83 9.05 15.68
CA THR A 102 -17.51 9.32 14.42
C THR A 102 -16.97 8.44 13.29
N PHE A 103 -17.87 7.95 12.45
CA PHE A 103 -17.55 7.10 11.30
C PHE A 103 -17.63 7.88 9.98
N GLY A 104 -16.85 7.46 8.99
CA GLY A 104 -16.91 8.09 7.68
C GLY A 104 -18.01 7.35 6.94
N SER A 105 -18.33 7.75 5.71
CA SER A 105 -19.40 7.08 4.96
C SER A 105 -18.94 5.76 4.34
N GLY A 106 -17.63 5.54 4.29
CA GLY A 106 -17.12 4.30 3.76
C GLY A 106 -16.81 4.27 2.27
N THR A 107 -16.06 3.24 1.87
CA THR A 107 -15.65 3.02 0.49
C THR A 107 -15.95 1.57 0.20
N LYS A 108 -16.84 1.33 -0.77
CA LYS A 108 -17.22 -0.01 -1.13
C LYS A 108 -16.20 -0.62 -2.07
N LEU A 109 -15.75 -1.82 -1.74
CA LEU A 109 -14.77 -2.52 -2.57
C LEU A 109 -15.39 -3.76 -3.19
N GLU A 110 -15.40 -3.82 -4.51
CA GLU A 110 -15.92 -5.00 -5.19
C GLU A 110 -14.86 -5.58 -6.11
N ILE A 111 -14.84 -6.91 -6.18
CA ILE A 111 -13.88 -7.63 -7.00
C ILE A 111 -14.54 -8.18 -8.27
N LYS A 112 -13.96 -7.88 -9.43
CA LYS A 112 -14.49 -8.34 -10.71
C LYS A 112 -14.12 -9.80 -10.98
N LEU B 1 14.27 9.44 6.95
CA LEU B 1 13.61 8.74 5.82
C LEU B 1 13.50 7.25 6.08
N VAL B 2 12.26 6.77 6.17
CA VAL B 2 11.97 5.36 6.41
C VAL B 2 11.26 4.74 5.21
N MET B 3 11.76 3.59 4.76
CA MET B 3 11.16 2.89 3.62
C MET B 3 10.53 1.58 4.11
N SER B 4 9.31 1.28 3.65
CA SER B 4 8.62 0.05 4.06
C SER B 4 7.81 -0.56 2.91
N GLN B 5 7.83 -1.89 2.80
CA GLN B 5 7.09 -2.58 1.75
C GLN B 5 6.04 -3.54 2.30
N SER B 6 5.04 -3.84 1.48
CA SER B 6 3.97 -4.74 1.87
C SER B 6 3.36 -5.37 0.61
N PRO B 7 2.97 -6.66 0.71
CA PRO B 7 3.08 -7.51 1.89
C PRO B 7 4.51 -8.06 1.97
N SER B 8 4.86 -8.69 3.08
CA SER B 8 6.21 -9.25 3.23
C SER B 8 6.37 -10.53 2.41
N SER B 9 5.28 -11.26 2.27
CA SER B 9 5.30 -12.51 1.53
C SER B 9 4.01 -12.71 0.73
N LEU B 10 4.18 -13.17 -0.52
CA LEU B 10 3.06 -13.43 -1.41
C LEU B 10 3.17 -14.83 -1.99
N ALA B 11 2.06 -15.58 -1.96
CA ALA B 11 2.04 -16.92 -2.50
C ALA B 11 0.92 -16.98 -3.53
N VAL B 12 1.27 -17.06 -4.81
CA VAL B 12 0.25 -17.09 -5.87
C VAL B 12 0.45 -18.19 -6.90
N SER B 13 -0.59 -18.43 -7.69
CA SER B 13 -0.53 -19.44 -8.76
C SER B 13 -0.06 -18.76 -10.02
N ALA B 14 0.56 -19.54 -10.91
CA ALA B 14 1.07 -19.03 -12.16
C ALA B 14 -0.05 -18.36 -12.96
N GLY B 15 0.30 -17.28 -13.67
CA GLY B 15 -0.69 -16.58 -14.47
C GLY B 15 -1.42 -15.46 -13.76
N GLU B 16 -1.44 -15.50 -12.43
CA GLU B 16 -2.12 -14.48 -11.64
C GLU B 16 -1.42 -13.12 -11.69
N LYS B 17 -2.16 -12.08 -11.34
CA LYS B 17 -1.64 -10.74 -11.31
C LYS B 17 -1.29 -10.44 -9.86
N VAL B 18 -0.25 -9.62 -9.65
CA VAL B 18 0.13 -9.27 -8.30
C VAL B 18 0.60 -7.83 -8.22
N THR B 19 0.37 -7.22 -7.07
CA THR B 19 0.81 -5.87 -6.80
C THR B 19 1.50 -5.84 -5.44
N MET B 20 2.58 -5.09 -5.36
CA MET B 20 3.36 -4.93 -4.14
C MET B 20 3.48 -3.43 -3.90
N SER B 21 3.48 -3.04 -2.64
CA SER B 21 3.57 -1.64 -2.27
C SER B 21 4.88 -1.23 -1.59
N CYS B 22 5.24 0.03 -1.79
CA CYS B 22 6.45 0.61 -1.21
C CYS B 22 6.08 2.03 -0.80
N LYS B 23 6.34 2.37 0.46
CA LYS B 23 6.03 3.71 0.97
C LYS B 23 7.25 4.37 1.62
N SER B 24 7.38 5.68 1.41
CA SER B 24 8.49 6.43 1.98
C SER B 24 7.92 7.33 3.08
N SER B 25 8.75 7.60 4.09
CA SER B 25 8.34 8.44 5.23
C SER B 25 8.16 9.89 4.81
N GLN B 26 8.71 10.23 3.66
CA GLN B 26 8.60 11.58 3.11
C GLN B 26 8.73 11.51 1.59
N SER B 27 8.09 12.43 0.90
CA SER B 27 8.11 12.46 -0.56
C SER B 27 9.49 12.25 -1.19
N LEU B 28 9.51 11.51 -2.29
CA LEU B 28 10.74 11.24 -3.02
C LEU B 28 10.73 12.01 -4.34
N PHE B 29 9.78 12.94 -4.44
CA PHE B 29 9.62 13.75 -5.64
C PHE B 29 10.57 14.95 -5.65
N ASN B 30 11.38 15.05 -6.71
CA ASN B 30 12.32 16.16 -6.85
C ASN B 30 11.69 17.24 -7.73
N SER B 31 11.08 18.23 -7.10
CA SER B 31 10.41 19.32 -7.81
C SER B 31 11.28 20.08 -8.81
N ARG B 32 12.58 19.82 -8.82
CA ARG B 32 13.47 20.51 -9.75
C ARG B 32 13.65 19.75 -11.05
N THR B 33 13.73 18.43 -10.96
CA THR B 33 13.91 17.58 -12.13
C THR B 33 12.58 16.96 -12.54
N ARG B 34 11.61 17.02 -11.63
CA ARG B 34 10.28 16.48 -11.87
C ARG B 34 10.27 14.96 -11.99
N LYS B 35 11.13 14.30 -11.23
CA LYS B 35 11.23 12.84 -11.26
C LYS B 35 11.15 12.25 -9.85
N ASN B 36 10.61 11.05 -9.75
CA ASN B 36 10.50 10.34 -8.48
C ASN B 36 11.70 9.41 -8.42
N TYR B 37 12.64 9.67 -7.50
CA TYR B 37 13.82 8.82 -7.39
C TYR B 37 13.60 7.55 -6.58
N LEU B 38 12.82 6.65 -7.17
CA LEU B 38 12.46 5.36 -6.58
C LEU B 38 12.61 4.29 -7.67
N ALA B 39 13.36 3.23 -7.36
CA ALA B 39 13.57 2.15 -8.32
C ALA B 39 13.17 0.77 -7.75
N TRP B 40 12.93 -0.18 -8.65
CA TRP B 40 12.58 -1.54 -8.25
C TRP B 40 13.62 -2.52 -8.80
N TYR B 41 14.06 -3.43 -7.95
CA TYR B 41 15.03 -4.45 -8.31
C TYR B 41 14.46 -5.85 -8.10
N GLN B 42 14.95 -6.80 -8.86
CA GLN B 42 14.55 -8.20 -8.76
C GLN B 42 15.79 -8.92 -8.25
N GLN B 43 15.58 -9.85 -7.31
CA GLN B 43 16.70 -10.60 -6.74
C GLN B 43 16.35 -12.06 -6.56
N LYS B 44 16.89 -12.90 -7.45
CA LYS B 44 16.62 -14.33 -7.36
C LYS B 44 17.54 -14.98 -6.34
N PRO B 45 17.21 -16.20 -5.90
CA PRO B 45 18.00 -16.92 -4.91
C PRO B 45 19.44 -17.12 -5.38
N GLY B 46 20.39 -16.73 -4.55
CA GLY B 46 21.79 -16.88 -4.90
C GLY B 46 22.30 -15.97 -6.01
N GLN B 47 21.45 -15.06 -6.47
CA GLN B 47 21.87 -14.14 -7.53
C GLN B 47 22.00 -12.74 -6.95
N SER B 48 22.48 -11.81 -7.78
CA SER B 48 22.61 -10.43 -7.36
C SER B 48 21.44 -9.66 -7.97
N PRO B 49 21.06 -8.54 -7.36
CA PRO B 49 19.95 -7.70 -7.85
C PRO B 49 20.03 -7.37 -9.33
N LYS B 50 18.87 -7.15 -9.92
CA LYS B 50 18.75 -6.79 -11.32
C LYS B 50 17.73 -5.67 -11.39
N LEU B 51 18.15 -4.51 -11.88
CA LEU B 51 17.28 -3.34 -11.98
C LEU B 51 16.11 -3.59 -12.91
N LEU B 52 14.90 -3.32 -12.43
CA LEU B 52 13.70 -3.51 -13.24
C LEU B 52 13.13 -2.16 -13.68
N ILE B 53 13.01 -1.25 -12.73
CA ILE B 53 12.43 0.07 -12.97
C ILE B 53 13.10 1.17 -12.15
N TYR B 54 13.23 2.35 -12.75
CA TYR B 54 13.80 3.51 -12.08
C TYR B 54 12.90 4.71 -12.37
N TRP B 55 13.10 5.82 -11.66
CA TRP B 55 12.28 7.00 -11.84
C TRP B 55 10.80 6.64 -11.65
N ALA B 56 10.55 5.67 -10.78
CA ALA B 56 9.21 5.22 -10.47
C ALA B 56 8.51 4.38 -11.53
N SER B 57 8.55 4.82 -12.79
CA SER B 57 7.85 4.09 -13.84
C SER B 57 8.55 3.81 -15.16
N THR B 58 9.85 4.10 -15.25
CA THR B 58 10.56 3.83 -16.50
C THR B 58 11.23 2.46 -16.48
N ARG B 59 10.79 1.59 -17.37
CA ARG B 59 11.34 0.24 -17.45
C ARG B 59 12.76 0.25 -18.00
N GLU B 60 13.59 -0.64 -17.49
CA GLU B 60 14.98 -0.74 -17.94
C GLU B 60 14.97 -1.43 -19.30
N SER B 61 15.84 -0.99 -20.19
CA SER B 61 15.91 -1.58 -21.53
C SER B 61 16.10 -3.09 -21.48
N GLY B 62 15.13 -3.82 -22.02
CA GLY B 62 15.22 -5.27 -22.04
C GLY B 62 14.46 -5.97 -20.93
N VAL B 63 13.48 -5.29 -20.33
CA VAL B 63 12.67 -5.88 -19.26
C VAL B 63 11.25 -6.10 -19.79
N PRO B 64 10.76 -7.34 -19.73
CA PRO B 64 9.42 -7.65 -20.21
C PRO B 64 8.35 -6.68 -19.69
N ASP B 65 7.43 -6.28 -20.57
CA ASP B 65 6.36 -5.36 -20.20
C ASP B 65 5.40 -6.00 -19.20
N ARG B 66 5.81 -7.12 -18.62
CA ARG B 66 5.00 -7.84 -17.66
C ARG B 66 5.09 -7.07 -16.33
N PHE B 67 6.19 -6.34 -16.20
CA PHE B 67 6.48 -5.52 -15.02
C PHE B 67 6.07 -4.07 -15.30
N THR B 68 5.47 -3.42 -14.31
CA THR B 68 5.06 -2.03 -14.45
C THR B 68 5.17 -1.28 -13.12
N GLY B 69 5.86 -0.14 -13.13
CA GLY B 69 5.99 0.65 -11.93
C GLY B 69 5.10 1.87 -11.99
N SER B 70 4.59 2.31 -10.83
CA SER B 70 3.72 3.48 -10.78
C SER B 70 3.67 4.14 -9.41
N GLY B 71 3.04 5.30 -9.35
CA GLY B 71 2.92 6.05 -8.12
C GLY B 71 3.86 7.25 -8.09
N SER B 72 3.86 7.99 -6.98
CA SER B 72 4.72 9.15 -6.82
C SER B 72 4.59 9.67 -5.39
N GLY B 73 5.55 10.50 -4.99
CA GLY B 73 5.52 11.05 -3.66
C GLY B 73 5.95 10.07 -2.59
N THR B 74 4.98 9.52 -1.87
CA THR B 74 5.23 8.57 -0.79
C THR B 74 4.57 7.21 -1.00
N ASP B 75 3.93 7.01 -2.15
CA ASP B 75 3.26 5.74 -2.41
C ASP B 75 3.58 5.19 -3.80
N PHE B 76 4.26 4.05 -3.84
CA PHE B 76 4.63 3.43 -5.11
C PHE B 76 4.12 2.00 -5.22
N THR B 77 4.00 1.53 -6.46
CA THR B 77 3.50 0.20 -6.72
C THR B 77 4.23 -0.49 -7.86
N LEU B 78 4.37 -1.82 -7.73
CA LEU B 78 5.02 -2.62 -8.75
C LEU B 78 3.97 -3.68 -9.12
N THR B 79 3.67 -3.77 -10.41
CA THR B 79 2.70 -4.72 -10.89
C THR B 79 3.31 -5.76 -11.82
N ILE B 80 2.81 -6.99 -11.72
CA ILE B 80 3.26 -8.09 -12.56
C ILE B 80 1.98 -8.67 -13.15
N SER B 81 1.74 -8.38 -14.42
CA SER B 81 0.55 -8.81 -15.14
C SER B 81 0.17 -10.27 -14.98
N SER B 82 1.09 -11.17 -15.32
CA SER B 82 0.85 -12.59 -15.22
C SER B 82 2.13 -13.25 -14.71
N VAL B 83 2.15 -13.61 -13.42
CA VAL B 83 3.31 -14.23 -12.81
C VAL B 83 3.78 -15.51 -13.50
N GLN B 84 5.09 -15.60 -13.71
CA GLN B 84 5.70 -16.77 -14.36
C GLN B 84 6.61 -17.42 -13.33
N ALA B 85 6.91 -18.71 -13.53
CA ALA B 85 7.77 -19.44 -12.63
C ALA B 85 9.15 -18.77 -12.53
N GLU B 86 9.56 -18.14 -13.61
CA GLU B 86 10.86 -17.46 -13.64
C GLU B 86 10.89 -16.20 -12.78
N ASP B 87 9.71 -15.73 -12.36
CA ASP B 87 9.63 -14.52 -11.53
C ASP B 87 9.82 -14.83 -10.04
N LEU B 88 10.10 -16.09 -9.71
CA LEU B 88 10.31 -16.46 -8.32
C LEU B 88 11.49 -15.64 -7.83
N ALA B 89 11.24 -14.79 -6.83
CA ALA B 89 12.28 -13.92 -6.31
C ALA B 89 11.77 -12.96 -5.23
N VAL B 90 12.68 -12.17 -4.68
CA VAL B 90 12.30 -11.17 -3.70
C VAL B 90 12.43 -9.83 -4.42
N TYR B 91 11.41 -8.99 -4.30
CA TYR B 91 11.41 -7.68 -4.96
C TYR B 91 11.56 -6.53 -3.98
N TYR B 92 12.51 -5.63 -4.24
CA TYR B 92 12.74 -4.48 -3.36
C TYR B 92 12.66 -3.15 -4.10
N CYS B 93 12.33 -2.11 -3.36
CA CYS B 93 12.29 -0.75 -3.91
C CYS B 93 13.48 -0.03 -3.30
N LYS B 94 14.02 0.94 -4.04
CA LYS B 94 15.19 1.68 -3.59
C LYS B 94 15.07 3.17 -3.82
N GLN B 95 15.32 3.96 -2.78
CA GLN B 95 15.24 5.41 -2.91
C GLN B 95 16.64 5.99 -3.09
N SER B 96 16.77 6.88 -4.06
CA SER B 96 18.04 7.52 -4.34
C SER B 96 17.83 9.03 -4.29
N TYR B 97 16.96 9.47 -3.39
CA TYR B 97 16.65 10.88 -3.24
C TYR B 97 17.68 11.58 -2.35
N TYR B 98 18.24 10.85 -1.40
CA TYR B 98 19.24 11.42 -0.49
C TYR B 98 20.60 10.75 -0.56
N HIS B 99 21.57 11.39 0.12
CA HIS B 99 22.95 10.91 0.20
C HIS B 99 22.97 9.44 0.62
N MET B 100 22.31 9.15 1.73
CA MET B 100 22.23 7.80 2.26
C MET B 100 21.05 7.08 1.60
N TYR B 101 21.35 6.11 0.73
CA TYR B 101 20.32 5.35 0.02
C TYR B 101 19.82 4.19 0.88
N THR B 102 18.62 3.71 0.57
CA THR B 102 18.03 2.60 1.30
C THR B 102 16.95 1.88 0.52
N PHE B 103 16.88 0.56 0.72
CA PHE B 103 15.89 -0.28 0.08
C PHE B 103 14.80 -0.56 1.10
N GLY B 104 13.63 -1.00 0.63
CA GLY B 104 12.57 -1.36 1.54
C GLY B 104 12.92 -2.77 2.00
N SER B 105 12.13 -3.36 2.89
CA SER B 105 12.41 -4.70 3.39
C SER B 105 12.13 -5.82 2.39
N GLY B 106 11.49 -5.45 1.27
CA GLY B 106 11.19 -6.42 0.21
C GLY B 106 9.92 -7.25 0.31
N THR B 107 9.52 -7.81 -0.83
CA THR B 107 8.34 -8.68 -0.89
C THR B 107 8.79 -10.00 -1.54
N LYS B 108 8.62 -11.10 -0.82
CA LYS B 108 9.00 -12.41 -1.34
C LYS B 108 7.82 -12.97 -2.13
N LEU B 109 8.04 -13.28 -3.40
CA LEU B 109 6.99 -13.81 -4.26
C LEU B 109 7.13 -15.31 -4.48
N GLU B 110 6.08 -16.07 -4.15
CA GLU B 110 6.12 -17.51 -4.33
C GLU B 110 5.15 -17.95 -5.42
N ILE B 111 5.63 -18.79 -6.34
CA ILE B 111 4.80 -19.30 -7.42
C ILE B 111 4.30 -20.69 -7.02
N LYS B 112 3.01 -20.81 -6.72
CA LYS B 112 2.45 -22.10 -6.34
C LYS B 112 2.61 -23.11 -7.47
CO CO C . -7.54 4.65 16.94
C1 BTB D . -10.30 0.01 19.26
O1 BTB D . -10.45 -0.73 20.46
C2 BTB D . -10.51 1.51 19.38
C3 BTB D . -12.00 1.85 19.94
O3 BTB D . -12.99 1.22 19.20
C4 BTB D . -10.30 2.15 17.98
O4 BTB D . -10.52 3.54 18.09
N BTB D . -9.53 2.34 20.34
C5 BTB D . -7.90 2.25 20.09
C6 BTB D . -7.45 3.39 19.90
O6 BTB D . -7.72 4.46 20.44
C7 BTB D . -9.50 1.99 21.79
C8 BTB D . -9.81 2.81 22.80
O8 BTB D . -10.77 4.03 22.26
CO CO E . 15.52 6.04 -9.93
#